data_5GGB
#
_entry.id   5GGB
#
_cell.length_a   42.492
_cell.length_b   87.892
_cell.length_c   95.202
_cell.angle_alpha   90.00
_cell.angle_beta   90.00
_cell.angle_gamma   90.00
#
_symmetry.space_group_name_H-M   'P 21 21 21'
#
loop_
_entity.id
_entity.type
_entity.pdbx_description
1 polymer 'Hydrolase, NUDIX family protein'
2 non-polymer "2'-deoxy-8-oxoguanosine 5'-(trihydrogen diphosphate)"
3 water water
#
_entity_poly.entity_id   1
_entity_poly.type   'polypeptide(L)'
_entity_poly.pdbx_seq_one_letter_code
;MGSSHHHHHHSSGLVPRGSHMMPVDDLQEIPLSKDTTEKSKHTVRAAGAVLWRDASEHGGTTGHPATVEVAVIHRPRYDD
WSLPKGKLDQGETEPVAAAREIHEETGHTAVLGRRLGRVTYPIPQGTKRVWYWAAKSTGGDFSPNDEVDKLVWLPVDAAM
DQLQYPDDRKVLRRFVKRPVDTKTVLVVRHGTAGRRSRYKGDDRKRPLDKRGRAQAEALVAQLMAFGATTLYAADRVRCH
QTIEPLAQELDQLIHNEPLLTEEAYAADHKAARKRLLEIAGRPGNPVICTQGKVIPGLIEWWCERAKVRPETTGNRKGST
WVLSLSDGELVGADYLSPPDEK
;
_entity_poly.pdbx_strand_id   A
#
# COMPACT_ATOMS: atom_id res chain seq x y z
N HIS A 42 -19.83 8.12 -13.43
CA HIS A 42 -20.14 7.47 -12.14
C HIS A 42 -19.12 6.31 -11.98
N THR A 43 -18.16 6.47 -11.09
CA THR A 43 -17.19 5.38 -10.79
C THR A 43 -17.31 5.03 -9.35
N VAL A 44 -17.66 3.78 -9.10
CA VAL A 44 -17.71 3.22 -7.77
C VAL A 44 -16.34 2.63 -7.42
N ARG A 45 -15.75 3.09 -6.34
CA ARG A 45 -14.42 2.62 -5.90
C ARG A 45 -14.53 1.44 -4.93
N ALA A 46 -13.78 0.38 -5.23
CA ALA A 46 -13.76 -0.83 -4.45
C ALA A 46 -12.33 -1.34 -4.32
N ALA A 47 -12.15 -2.32 -3.47
CA ALA A 47 -10.83 -2.94 -3.27
C ALA A 47 -11.02 -4.35 -2.84
N GLY A 48 -10.01 -5.16 -3.06
CA GLY A 48 -10.03 -6.57 -2.68
C GLY A 48 -8.63 -7.14 -2.50
N ALA A 49 -8.56 -8.43 -2.22
CA ALA A 49 -7.29 -9.03 -1.88
C ALA A 49 -7.19 -10.46 -2.24
N VAL A 50 -5.95 -10.90 -2.49
CA VAL A 50 -5.57 -12.31 -2.40
C VAL A 50 -4.91 -12.48 -1.06
N LEU A 51 -5.70 -13.06 -0.13
CA LEU A 51 -5.22 -13.39 1.22
C LEU A 51 -4.50 -14.72 1.11
N TRP A 52 -3.29 -14.79 1.66
CA TRP A 52 -2.47 -15.98 1.60
C TRP A 52 -1.78 -16.27 2.90
N ARG A 53 -1.31 -17.53 2.99
CA ARG A 53 -0.50 -17.98 4.14
C ARG A 53 0.47 -19.05 3.64
N ASP A 54 1.50 -19.31 4.46
N ASP A 54 1.54 -19.32 4.41
CA ASP A 54 2.34 -20.54 4.27
CA ASP A 54 2.35 -20.56 4.13
C ASP A 54 1.55 -21.78 4.71
C ASP A 54 1.67 -21.80 4.72
N ALA A 55 1.57 -22.83 3.90
CA ALA A 55 0.90 -24.12 4.26
C ALA A 55 1.59 -24.86 5.43
N THR A 67 3.45 -24.70 -0.84
CA THR A 67 3.88 -23.94 0.35
C THR A 67 3.07 -22.62 0.60
N VAL A 68 2.58 -21.94 -0.45
CA VAL A 68 1.59 -20.87 -0.27
C VAL A 68 0.17 -21.47 -0.44
N GLU A 69 -0.76 -21.02 0.38
CA GLU A 69 -2.19 -21.29 0.16
C GLU A 69 -2.87 -19.96 0.16
N VAL A 70 -3.93 -19.89 -0.65
CA VAL A 70 -4.75 -18.73 -0.82
C VAL A 70 -6.18 -18.97 -0.36
N ALA A 71 -6.81 -17.97 0.21
CA ALA A 71 -8.20 -18.08 0.67
C ALA A 71 -9.15 -17.81 -0.45
N VAL A 72 -10.15 -18.69 -0.56
CA VAL A 72 -11.23 -18.49 -1.52
C VAL A 72 -12.52 -18.52 -0.69
N ILE A 73 -13.41 -17.58 -0.94
CA ILE A 73 -14.61 -17.39 -0.14
C ILE A 73 -15.88 -17.72 -0.94
N HIS A 74 -16.86 -18.29 -0.22
CA HIS A 74 -18.14 -18.62 -0.79
C HIS A 74 -19.17 -17.62 -0.31
N ARG A 75 -19.91 -17.11 -1.29
N ARG A 75 -19.92 -17.11 -1.29
CA ARG A 75 -20.87 -16.08 -1.07
CA ARG A 75 -20.91 -16.11 -1.04
C ARG A 75 -22.28 -16.66 -1.33
C ARG A 75 -22.29 -16.66 -1.33
N PRO A 76 -23.15 -16.81 -0.30
CA PRO A 76 -24.49 -17.30 -0.59
C PRO A 76 -25.33 -16.38 -1.44
N ARG A 77 -25.00 -15.08 -1.56
CA ARG A 77 -25.81 -14.19 -2.45
C ARG A 77 -25.88 -14.66 -3.84
N TYR A 78 -24.81 -15.22 -4.37
CA TYR A 78 -24.74 -15.77 -5.78
C TYR A 78 -24.43 -17.24 -5.84
N ASP A 79 -24.22 -17.83 -4.68
N ASP A 79 -24.23 -17.83 -4.67
CA ASP A 79 -23.86 -19.23 -4.58
CA ASP A 79 -23.83 -19.22 -4.59
C ASP A 79 -22.63 -19.51 -5.40
C ASP A 79 -22.59 -19.47 -5.45
N ASP A 80 -21.53 -18.78 -5.14
N ASP A 80 -21.54 -18.66 -5.19
CA ASP A 80 -20.30 -19.15 -5.78
CA ASP A 80 -20.30 -18.61 -5.98
C ASP A 80 -19.07 -18.59 -5.05
C ASP A 80 -19.07 -18.48 -5.08
N TRP A 81 -17.91 -18.84 -5.64
CA TRP A 81 -16.61 -18.70 -4.99
C TRP A 81 -15.82 -17.54 -5.63
N SER A 82 -15.10 -16.79 -4.81
N SER A 82 -15.27 -16.67 -4.77
CA SER A 82 -14.37 -15.67 -5.35
CA SER A 82 -14.56 -15.46 -5.22
C SER A 82 -13.31 -15.23 -4.34
C SER A 82 -13.46 -15.05 -4.23
N LEU A 83 -12.88 -13.93 -4.49
CA LEU A 83 -11.87 -13.31 -3.62
C LEU A 83 -12.54 -12.24 -2.80
N PRO A 84 -12.01 -11.97 -1.58
CA PRO A 84 -12.56 -10.85 -0.78
C PRO A 84 -12.49 -9.54 -1.54
N LYS A 85 -13.55 -8.76 -1.45
CA LYS A 85 -13.63 -7.44 -2.05
C LYS A 85 -14.82 -6.69 -1.55
N GLY A 86 -14.81 -5.36 -1.65
CA GLY A 86 -15.98 -4.55 -1.33
C GLY A 86 -15.72 -3.11 -1.64
N LYS A 87 -16.81 -2.38 -1.55
CA LYS A 87 -16.80 -0.97 -1.83
C LYS A 87 -16.15 -0.13 -0.71
N LEU A 88 -15.46 0.94 -1.10
CA LEU A 88 -14.92 1.86 -0.12
C LEU A 88 -16.06 2.64 0.59
N ASP A 89 -15.88 2.78 1.89
CA ASP A 89 -16.72 3.71 2.68
C ASP A 89 -16.25 5.14 2.45
N GLN A 90 -17.08 6.08 2.84
CA GLN A 90 -16.75 7.47 2.70
C GLN A 90 -15.50 7.76 3.47
N GLY A 91 -14.54 8.44 2.83
CA GLY A 91 -13.33 8.79 3.53
C GLY A 91 -12.23 7.75 3.56
N GLU A 92 -12.51 6.59 3.06
CA GLU A 92 -11.59 5.45 3.13
C GLU A 92 -10.68 5.41 1.92
N THR A 93 -9.47 4.89 2.09
CA THR A 93 -8.57 4.62 0.97
C THR A 93 -8.69 3.16 0.51
N GLU A 94 -8.22 2.87 -0.70
CA GLU A 94 -8.28 1.53 -1.21
C GLU A 94 -7.58 0.50 -0.31
N PRO A 95 -6.34 0.76 0.13
CA PRO A 95 -5.66 -0.25 0.97
C PRO A 95 -6.43 -0.53 2.26
N VAL A 96 -6.95 0.55 2.86
CA VAL A 96 -7.66 0.38 4.11
C VAL A 96 -8.95 -0.42 3.88
N ALA A 97 -9.65 -0.19 2.79
CA ALA A 97 -10.80 -0.98 2.44
C ALA A 97 -10.45 -2.43 2.17
N ALA A 98 -9.33 -2.70 1.49
CA ALA A 98 -8.97 -4.09 1.23
C ALA A 98 -8.77 -4.83 2.54
N ALA A 99 -8.03 -4.19 3.46
CA ALA A 99 -7.79 -4.84 4.75
C ALA A 99 -9.10 -5.02 5.52
N ARG A 100 -9.97 -4.01 5.44
CA ARG A 100 -11.27 -4.10 6.13
C ARG A 100 -12.10 -5.23 5.58
N GLU A 101 -12.09 -5.43 4.27
CA GLU A 101 -12.82 -6.52 3.67
C GLU A 101 -12.24 -7.88 4.05
N ILE A 102 -10.92 -7.97 4.14
CA ILE A 102 -10.32 -9.19 4.70
C ILE A 102 -10.89 -9.40 6.10
N HIS A 103 -10.88 -8.39 6.94
CA HIS A 103 -11.36 -8.55 8.32
C HIS A 103 -12.82 -9.03 8.36
N GLU A 104 -13.66 -8.37 7.61
CA GLU A 104 -15.12 -8.65 7.65
C GLU A 104 -15.49 -9.93 7.02
N GLU A 105 -14.84 -10.30 5.89
CA GLU A 105 -15.26 -11.44 5.14
C GLU A 105 -14.57 -12.71 5.54
N THR A 106 -13.33 -12.62 6.06
CA THR A 106 -12.54 -13.81 6.38
C THR A 106 -12.25 -13.94 7.88
N GLY A 107 -12.39 -12.88 8.65
CA GLY A 107 -12.04 -12.96 10.07
C GLY A 107 -10.55 -12.80 10.37
N HIS A 108 -9.71 -12.74 9.35
CA HIS A 108 -8.28 -12.63 9.56
C HIS A 108 -7.76 -11.21 9.57
N THR A 109 -6.66 -11.04 10.28
CA THR A 109 -5.80 -9.86 10.09
C THR A 109 -4.78 -10.20 9.02
N ALA A 110 -4.24 -9.16 8.40
CA ALA A 110 -3.29 -9.36 7.33
C ALA A 110 -2.45 -8.11 7.12
N VAL A 111 -1.35 -8.28 6.44
N VAL A 111 -1.30 -8.31 6.49
CA VAL A 111 -0.52 -7.16 6.05
CA VAL A 111 -0.42 -7.23 6.02
C VAL A 111 -0.47 -7.14 4.54
C VAL A 111 -0.43 -7.15 4.50
N LEU A 112 -0.84 -6.02 3.94
CA LEU A 112 -0.85 -5.88 2.50
C LEU A 112 0.55 -5.74 1.99
N GLY A 113 0.79 -6.30 0.81
CA GLY A 113 2.08 -6.21 0.10
C GLY A 113 1.89 -5.57 -1.26
N ARG A 114 2.30 -6.28 -2.29
CA ARG A 114 2.18 -5.78 -3.66
C ARG A 114 0.80 -5.59 -4.14
N ARG A 115 0.60 -4.56 -4.92
CA ARG A 115 -0.67 -4.32 -5.61
C ARG A 115 -0.71 -5.26 -6.82
N LEU A 116 -1.91 -5.75 -7.10
CA LEU A 116 -2.20 -6.74 -8.16
C LEU A 116 -3.11 -6.20 -9.26
N GLY A 117 -3.02 -4.95 -9.55
CA GLY A 117 -3.78 -4.40 -10.60
C GLY A 117 -5.22 -4.17 -10.23
N ARG A 118 -5.98 -3.82 -11.23
N ARG A 118 -6.01 -3.96 -11.26
CA ARG A 118 -7.39 -3.55 -11.07
CA ARG A 118 -7.37 -3.37 -11.17
C ARG A 118 -8.23 -4.43 -11.99
C ARG A 118 -8.27 -4.21 -12.08
N VAL A 119 -9.51 -4.47 -11.64
CA VAL A 119 -10.58 -5.08 -12.44
C VAL A 119 -11.68 -4.04 -12.52
N THR A 120 -12.34 -3.95 -13.68
CA THR A 120 -13.46 -3.04 -13.90
C THR A 120 -14.71 -3.84 -14.25
N TYR A 121 -15.84 -3.53 -13.62
CA TYR A 121 -17.11 -4.23 -13.72
C TYR A 121 -18.13 -3.19 -14.22
N PRO A 122 -18.96 -3.52 -15.24
CA PRO A 122 -20.04 -2.60 -15.68
C PRO A 122 -21.19 -2.54 -14.65
N ILE A 123 -21.58 -1.31 -14.31
CA ILE A 123 -22.77 -0.99 -13.50
C ILE A 123 -23.61 0.01 -14.27
N PRO A 124 -24.85 0.26 -13.84
CA PRO A 124 -25.65 1.15 -14.67
C PRO A 124 -25.05 2.56 -14.72
N GLN A 125 -24.87 3.02 -15.93
CA GLN A 125 -24.31 4.36 -16.19
C GLN A 125 -22.89 4.57 -15.64
N GLY A 126 -22.10 3.52 -15.46
CA GLY A 126 -20.71 3.70 -15.03
C GLY A 126 -19.95 2.43 -14.84
N THR A 127 -18.98 2.46 -13.92
CA THR A 127 -18.17 1.29 -13.66
C THR A 127 -17.85 1.20 -12.21
N LYS A 128 -17.59 -0.04 -11.79
CA LYS A 128 -17.02 -0.30 -10.50
C LYS A 128 -15.58 -0.72 -10.73
N ARG A 129 -14.64 -0.07 -10.06
CA ARG A 129 -13.22 -0.38 -10.20
C ARG A 129 -12.77 -1.01 -8.92
N VAL A 130 -12.12 -2.17 -9.01
CA VAL A 130 -11.62 -2.88 -7.84
C VAL A 130 -10.12 -2.99 -7.94
N TRP A 131 -9.39 -2.34 -7.02
CA TRP A 131 -7.94 -2.54 -6.90
C TRP A 131 -7.66 -3.67 -5.92
N TYR A 132 -6.72 -4.56 -6.30
CA TYR A 132 -6.39 -5.70 -5.49
C TYR A 132 -5.00 -5.63 -4.90
N TRP A 133 -4.83 -6.23 -3.73
CA TRP A 133 -3.54 -6.45 -3.11
C TRP A 133 -3.27 -7.89 -2.76
N ALA A 134 -2.03 -8.30 -2.78
CA ALA A 134 -1.57 -9.47 -2.03
C ALA A 134 -1.61 -9.15 -0.54
N ALA A 135 -2.06 -10.09 0.27
CA ALA A 135 -2.18 -9.83 1.72
C ALA A 135 -1.82 -11.06 2.48
N LYS A 136 -0.76 -10.98 3.31
CA LYS A 136 -0.31 -12.13 4.07
C LYS A 136 -1.11 -12.16 5.36
N SER A 137 -1.77 -13.30 5.61
CA SER A 137 -2.47 -13.47 6.88
C SER A 137 -1.53 -13.39 8.08
N THR A 138 -1.97 -12.68 9.12
CA THR A 138 -1.22 -12.56 10.36
C THR A 138 -1.94 -13.08 11.56
N GLY A 139 -3.13 -13.58 11.42
CA GLY A 139 -3.89 -14.16 12.53
C GLY A 139 -5.38 -14.07 12.25
N GLY A 140 -6.13 -14.45 13.26
CA GLY A 140 -7.60 -14.44 13.20
C GLY A 140 -8.13 -15.75 12.74
N ASP A 141 -9.44 -15.95 12.92
CA ASP A 141 -10.08 -17.21 12.54
C ASP A 141 -11.32 -16.91 11.73
N PHE A 142 -11.56 -17.73 10.72
CA PHE A 142 -12.84 -17.58 9.97
C PHE A 142 -14.07 -18.01 10.76
N SER A 143 -15.11 -17.20 10.71
N SER A 143 -15.12 -17.20 10.74
N SER A 143 -15.10 -17.16 10.71
CA SER A 143 -16.42 -17.61 11.19
CA SER A 143 -16.42 -17.67 11.18
CA SER A 143 -16.44 -17.45 11.20
C SER A 143 -17.42 -17.12 10.15
C SER A 143 -17.43 -17.14 10.17
C SER A 143 -17.46 -17.07 10.13
N PRO A 144 -18.46 -17.93 9.86
CA PRO A 144 -19.51 -17.47 8.94
C PRO A 144 -20.05 -16.07 9.30
N ASN A 145 -20.32 -15.23 8.32
CA ASN A 145 -20.64 -13.76 8.54
C ASN A 145 -21.67 -13.38 7.49
N ASP A 146 -22.10 -12.12 7.45
N ASP A 146 -22.08 -12.11 7.51
CA ASP A 146 -23.28 -11.76 6.61
CA ASP A 146 -23.19 -11.69 6.66
C ASP A 146 -22.99 -11.88 5.12
C ASP A 146 -22.93 -12.19 5.23
N GLU A 147 -21.73 -11.93 4.71
CA GLU A 147 -21.48 -12.16 3.31
C GLU A 147 -20.97 -13.53 2.90
N VAL A 148 -20.26 -14.18 3.82
CA VAL A 148 -19.49 -15.33 3.47
C VAL A 148 -19.81 -16.47 4.44
N ASP A 149 -20.22 -17.59 3.85
CA ASP A 149 -20.56 -18.75 4.69
C ASP A 149 -19.47 -19.81 4.83
N LYS A 150 -18.52 -19.79 3.93
CA LYS A 150 -17.43 -20.79 3.89
C LYS A 150 -16.19 -20.17 3.32
N LEU A 151 -15.03 -20.64 3.77
CA LEU A 151 -13.73 -20.22 3.35
C LEU A 151 -12.86 -21.42 3.23
N VAL A 152 -12.19 -21.58 2.09
CA VAL A 152 -11.20 -22.65 1.92
C VAL A 152 -9.83 -22.11 1.57
N TRP A 153 -8.80 -22.77 2.08
CA TRP A 153 -7.40 -22.46 1.83
C TRP A 153 -6.89 -23.45 0.80
N LEU A 154 -6.38 -23.00 -0.32
CA LEU A 154 -6.01 -23.84 -1.42
C LEU A 154 -4.62 -23.45 -1.97
N PRO A 155 -3.84 -24.44 -2.40
CA PRO A 155 -2.69 -24.13 -3.20
C PRO A 155 -3.17 -23.39 -4.43
N VAL A 156 -2.27 -22.63 -5.04
CA VAL A 156 -2.68 -21.74 -6.08
C VAL A 156 -3.34 -22.46 -7.27
N ASP A 157 -2.83 -23.63 -7.69
CA ASP A 157 -3.47 -24.30 -8.83
C ASP A 157 -4.91 -24.78 -8.51
N ALA A 158 -5.12 -25.30 -7.29
CA ALA A 158 -6.48 -25.70 -6.85
C ALA A 158 -7.35 -24.44 -6.72
N ALA A 159 -6.79 -23.33 -6.25
CA ALA A 159 -7.55 -22.10 -6.18
C ALA A 159 -7.98 -21.57 -7.53
N MET A 160 -7.08 -21.69 -8.48
CA MET A 160 -7.36 -21.27 -9.82
C MET A 160 -8.60 -22.07 -10.37
N ASP A 161 -8.69 -23.37 -10.07
CA ASP A 161 -9.86 -24.21 -10.53
C ASP A 161 -11.15 -23.86 -9.79
N GLN A 162 -11.03 -23.46 -8.54
N GLN A 162 -11.05 -23.45 -8.54
CA GLN A 162 -12.18 -23.08 -7.73
CA GLN A 162 -12.24 -23.09 -7.74
C GLN A 162 -12.78 -21.74 -8.13
C GLN A 162 -12.79 -21.71 -8.10
N LEU A 163 -11.93 -20.84 -8.62
CA LEU A 163 -12.37 -19.51 -9.01
C LEU A 163 -12.96 -19.60 -10.42
N GLN A 164 -14.26 -19.60 -10.52
CA GLN A 164 -14.93 -19.61 -11.85
C GLN A 164 -15.11 -18.25 -12.48
N TYR A 165 -14.77 -17.13 -11.83
CA TYR A 165 -14.79 -15.86 -12.55
C TYR A 165 -13.43 -15.58 -13.25
N PRO A 166 -13.43 -15.27 -14.54
CA PRO A 166 -12.18 -14.93 -15.24
C PRO A 166 -11.37 -13.82 -14.57
N ASP A 167 -12.00 -12.76 -14.07
CA ASP A 167 -11.23 -11.69 -13.47
C ASP A 167 -10.52 -12.10 -12.21
N ASP A 168 -11.12 -12.98 -11.42
CA ASP A 168 -10.43 -13.47 -10.23
C ASP A 168 -9.23 -14.31 -10.65
N ARG A 169 -9.35 -15.15 -11.68
CA ARG A 169 -8.20 -15.93 -12.14
C ARG A 169 -7.06 -14.98 -12.62
N LYS A 170 -7.45 -13.89 -13.25
CA LYS A 170 -6.49 -12.88 -13.74
C LYS A 170 -5.73 -12.29 -12.55
N VAL A 171 -6.45 -11.96 -11.49
CA VAL A 171 -5.80 -11.39 -10.30
C VAL A 171 -4.84 -12.44 -9.71
N LEU A 172 -5.27 -13.69 -9.68
CA LEU A 172 -4.40 -14.73 -9.14
C LEU A 172 -3.17 -14.96 -10.04
N ARG A 173 -3.32 -14.85 -11.35
CA ARG A 173 -2.14 -14.91 -12.20
C ARG A 173 -1.16 -13.73 -11.89
N ARG A 174 -1.72 -12.53 -11.64
N ARG A 174 -1.71 -12.55 -11.63
CA ARG A 174 -0.87 -11.43 -11.23
CA ARG A 174 -0.83 -11.46 -11.19
C ARG A 174 -0.19 -11.72 -9.91
C ARG A 174 -0.13 -11.82 -9.88
N PHE A 175 -0.88 -12.35 -8.94
CA PHE A 175 -0.30 -12.75 -7.68
C PHE A 175 0.93 -13.64 -7.85
N VAL A 176 0.84 -14.64 -8.73
CA VAL A 176 1.94 -15.62 -8.86
C VAL A 176 3.09 -15.10 -9.75
N LYS A 177 2.89 -13.96 -10.40
CA LYS A 177 3.86 -13.42 -11.36
C LYS A 177 5.16 -13.10 -10.67
N ARG A 178 5.12 -12.62 -9.44
CA ARG A 178 6.29 -12.19 -8.65
C ARG A 178 6.18 -12.70 -7.26
N PRO A 179 7.26 -12.66 -6.48
CA PRO A 179 7.15 -13.13 -5.10
C PRO A 179 6.09 -12.34 -4.32
N VAL A 180 5.56 -13.01 -3.32
CA VAL A 180 4.56 -12.42 -2.40
C VAL A 180 5.05 -12.31 -0.98
N ASP A 181 6.09 -13.07 -0.59
CA ASP A 181 6.65 -12.90 0.70
C ASP A 181 7.62 -11.77 0.68
N THR A 182 7.08 -10.56 0.70
CA THR A 182 7.83 -9.32 0.47
C THR A 182 7.90 -8.48 1.72
N LYS A 183 8.95 -7.67 1.77
CA LYS A 183 9.13 -6.59 2.71
C LYS A 183 8.84 -5.28 2.00
N THR A 184 8.51 -4.25 2.74
CA THR A 184 7.95 -3.06 2.13
C THR A 184 8.63 -1.80 2.63
N VAL A 185 8.99 -0.92 1.70
CA VAL A 185 9.45 0.43 1.97
C VAL A 185 8.35 1.38 1.53
N LEU A 186 7.94 2.30 2.40
CA LEU A 186 6.83 3.20 2.14
C LEU A 186 7.38 4.61 2.02
N VAL A 187 7.48 5.12 0.81
CA VAL A 187 7.99 6.45 0.57
C VAL A 187 6.82 7.41 0.47
N VAL A 188 6.76 8.39 1.36
CA VAL A 188 5.63 9.28 1.52
C VAL A 188 6.03 10.71 1.23
N ARG A 189 5.31 11.41 0.37
CA ARG A 189 5.51 12.85 0.27
C ARG A 189 4.72 13.49 1.40
N HIS A 190 5.38 14.44 2.09
CA HIS A 190 4.72 15.10 3.19
C HIS A 190 3.40 15.71 2.77
N GLY A 191 2.56 15.93 3.77
CA GLY A 191 1.26 16.53 3.51
C GLY A 191 1.31 18.03 3.18
N THR A 192 0.12 18.58 2.90
CA THR A 192 0.03 19.98 2.52
C THR A 192 0.50 20.92 3.64
N ALA A 193 1.21 21.97 3.26
CA ALA A 193 1.98 22.85 4.17
C ALA A 193 1.99 24.30 3.66
N GLY A 194 0.90 24.68 3.01
CA GLY A 194 0.79 26.07 2.52
C GLY A 194 1.78 26.40 1.44
N ARG A 195 1.91 27.72 1.20
CA ARG A 195 2.85 28.27 0.24
C ARG A 195 4.09 28.82 0.91
N ARG A 196 5.21 28.53 0.29
CA ARG A 196 6.48 29.09 0.75
C ARG A 196 6.40 30.63 0.85
N SER A 197 5.75 31.26 -0.12
CA SER A 197 5.83 32.76 -0.24
C SER A 197 5.08 33.43 0.93
N ARG A 198 4.19 32.68 1.63
CA ARG A 198 3.43 33.23 2.74
C ARG A 198 4.14 33.07 4.08
N TYR A 199 5.18 32.25 4.12
CA TYR A 199 5.96 31.92 5.33
C TYR A 199 7.27 32.68 5.28
N LYS A 200 7.51 33.56 6.26
CA LYS A 200 8.67 34.44 6.17
C LYS A 200 9.96 33.93 6.85
N GLY A 201 9.78 32.93 7.74
CA GLY A 201 10.79 32.41 8.60
C GLY A 201 11.65 31.40 7.88
N ASP A 202 12.27 30.52 8.64
CA ASP A 202 13.17 29.49 8.08
C ASP A 202 12.23 28.46 7.44
N ASP A 203 12.28 28.33 6.13
CA ASP A 203 11.37 27.45 5.45
C ASP A 203 11.50 25.95 5.94
N ARG A 204 12.62 25.51 6.56
N ARG A 204 12.65 25.60 6.44
CA ARG A 204 12.77 24.15 7.23
CA ARG A 204 12.79 24.30 6.95
C ARG A 204 11.68 23.93 8.25
C ARG A 204 11.79 24.01 8.06
N LYS A 205 11.35 25.03 8.82
CA LYS A 205 10.42 24.96 9.91
C LYS A 205 8.94 25.12 9.55
N ARG A 206 8.60 25.35 8.27
CA ARG A 206 7.21 25.56 7.90
C ARG A 206 6.33 24.35 8.21
N PRO A 207 5.25 24.53 8.93
CA PRO A 207 4.48 23.36 9.38
C PRO A 207 3.41 22.95 8.39
N LEU A 208 2.87 21.75 8.58
CA LEU A 208 1.66 21.35 7.88
C LEU A 208 0.51 22.35 8.12
N ASP A 209 -0.40 22.47 7.15
CA ASP A 209 -1.63 23.23 7.33
C ASP A 209 -2.72 22.32 7.84
N LYS A 210 -3.94 22.86 7.99
CA LYS A 210 -5.01 22.06 8.51
C LYS A 210 -5.24 20.81 7.70
N ARG A 211 -5.37 20.98 6.40
CA ARG A 211 -5.57 19.85 5.52
C ARG A 211 -4.43 18.82 5.70
N GLY A 212 -3.22 19.32 5.77
CA GLY A 212 -2.04 18.44 5.87
C GLY A 212 -2.03 17.66 7.19
N ARG A 213 -2.46 18.30 8.28
CA ARG A 213 -2.57 17.59 9.54
C ARG A 213 -3.61 16.50 9.44
N ALA A 214 -4.70 16.74 8.72
CA ALA A 214 -5.70 15.70 8.47
C ALA A 214 -5.15 14.58 7.60
N GLN A 215 -4.31 14.91 6.62
CA GLN A 215 -3.66 13.86 5.83
C GLN A 215 -2.76 13.03 6.68
N ALA A 216 -1.99 13.66 7.59
CA ALA A 216 -1.11 12.92 8.51
C ALA A 216 -1.88 11.95 9.35
N GLU A 217 -3.05 12.37 9.89
CA GLU A 217 -3.88 11.50 10.65
C GLU A 217 -4.41 10.30 9.81
N ALA A 218 -4.84 10.61 8.59
CA ALA A 218 -5.38 9.59 7.73
C ALA A 218 -4.32 8.60 7.21
N LEU A 219 -3.08 9.05 7.21
CA LEU A 219 -1.98 8.14 6.79
C LEU A 219 -1.70 7.06 7.84
N VAL A 220 -2.16 7.22 9.07
CA VAL A 220 -1.92 6.18 10.04
C VAL A 220 -2.50 4.84 9.58
N ALA A 221 -3.80 4.86 9.27
CA ALA A 221 -4.43 3.60 8.84
C ALA A 221 -3.86 3.11 7.51
N GLN A 222 -3.53 4.03 6.61
N GLN A 222 -3.56 4.04 6.61
CA GLN A 222 -2.96 3.69 5.29
CA GLN A 222 -3.00 3.65 5.33
C GLN A 222 -1.67 2.91 5.49
C GLN A 222 -1.68 2.90 5.50
N LEU A 223 -0.77 3.45 6.31
CA LEU A 223 0.56 2.90 6.45
C LEU A 223 0.60 1.68 7.33
N MET A 224 -0.31 1.65 8.33
N MET A 224 -0.30 1.64 8.32
CA MET A 224 -0.48 0.46 9.13
CA MET A 224 -0.42 0.43 9.11
C MET A 224 -0.95 -0.73 8.29
C MET A 224 -0.97 -0.75 8.30
N ALA A 225 -1.72 -0.47 7.24
CA ALA A 225 -2.25 -1.56 6.42
C ALA A 225 -1.09 -2.36 5.76
N PHE A 226 0.03 -1.71 5.55
CA PHE A 226 1.26 -2.31 4.97
C PHE A 226 2.23 -2.76 6.03
N GLY A 227 1.83 -2.73 7.30
CA GLY A 227 2.71 -3.22 8.33
C GLY A 227 3.95 -2.39 8.58
N ALA A 228 3.84 -1.05 8.46
CA ALA A 228 4.95 -0.19 8.81
C ALA A 228 5.49 -0.52 10.19
N THR A 229 6.82 -0.55 10.34
CA THR A 229 7.44 -0.78 11.64
C THR A 229 8.43 0.26 12.09
N THR A 230 9.10 0.96 11.20
CA THR A 230 10.11 1.96 11.56
C THR A 230 9.91 3.21 10.75
N LEU A 231 10.39 4.35 11.26
CA LEU A 231 10.00 5.65 10.75
C LEU A 231 11.22 6.53 10.50
N TYR A 232 11.20 7.20 9.36
CA TYR A 232 12.29 8.05 8.88
C TYR A 232 11.69 9.27 8.22
N ALA A 233 12.30 10.43 8.40
CA ALA A 233 11.81 11.65 7.72
C ALA A 233 12.99 12.54 7.39
N ALA A 234 12.91 13.14 6.21
CA ALA A 234 13.82 14.19 5.87
C ALA A 234 13.80 15.28 6.91
N ASP A 235 14.90 16.04 6.95
CA ASP A 235 15.11 17.10 7.98
C ASP A 235 14.32 18.35 7.68
N ARG A 236 13.00 18.22 7.63
CA ARG A 236 12.07 19.33 7.52
C ARG A 236 10.93 19.09 8.44
N VAL A 237 10.44 20.09 9.11
CA VAL A 237 9.35 19.93 10.05
C VAL A 237 8.11 19.32 9.34
N ARG A 238 7.81 19.78 8.16
CA ARG A 238 6.62 19.28 7.49
C ARG A 238 6.68 17.74 7.23
N CYS A 239 7.88 17.22 7.00
CA CYS A 239 8.04 15.78 6.83
C CYS A 239 7.87 15.05 8.14
N HIS A 240 8.49 15.52 9.24
CA HIS A 240 8.28 14.87 10.51
C HIS A 240 6.82 14.90 10.96
N GLN A 241 6.17 16.06 10.77
CA GLN A 241 4.77 16.19 11.19
C GLN A 241 3.88 15.24 10.45
N THR A 242 4.21 14.88 9.20
CA THR A 242 3.36 13.97 8.43
C THR A 242 3.31 12.58 9.05
N ILE A 243 4.42 12.17 9.70
CA ILE A 243 4.47 10.85 10.29
C ILE A 243 4.41 10.83 11.80
N GLU A 244 4.25 11.98 12.44
CA GLU A 244 4.12 12.02 13.90
C GLU A 244 2.88 11.27 14.40
N PRO A 245 1.74 11.35 13.73
CA PRO A 245 0.62 10.56 14.23
C PRO A 245 0.92 9.05 14.17
N LEU A 246 1.58 8.57 13.13
CA LEU A 246 1.99 7.21 13.07
C LEU A 246 3.01 6.89 14.12
N ALA A 247 3.94 7.81 14.40
CA ALA A 247 4.94 7.61 15.46
C ALA A 247 4.23 7.37 16.80
N GLN A 248 3.19 8.16 17.05
CA GLN A 248 2.44 7.96 18.28
C GLN A 248 1.73 6.59 18.33
N GLU A 249 1.14 6.23 17.22
CA GLU A 249 0.50 4.89 17.13
C GLU A 249 1.46 3.69 17.36
N LEU A 250 2.63 3.75 16.70
CA LEU A 250 3.66 2.67 16.73
C LEU A 250 4.50 2.69 17.94
N ASP A 251 4.43 3.79 18.71
CA ASP A 251 5.49 4.04 19.75
C ASP A 251 6.92 3.88 19.19
N GLN A 252 7.19 4.62 18.11
CA GLN A 252 8.46 4.58 17.38
C GLN A 252 8.91 6.12 17.30
N LEU A 253 10.20 6.38 17.49
CA LEU A 253 10.78 7.69 17.17
C LEU A 253 11.00 7.77 15.69
N ILE A 254 10.99 8.98 15.16
CA ILE A 254 11.28 9.25 13.74
C ILE A 254 12.75 9.52 13.57
N HIS A 255 13.42 8.76 12.72
CA HIS A 255 14.83 8.96 12.47
C HIS A 255 15.04 10.04 11.45
N ASN A 256 15.81 11.07 11.76
CA ASN A 256 16.04 12.21 10.86
C ASN A 256 16.95 11.88 9.71
N GLU A 257 16.67 12.43 8.54
CA GLU A 257 17.42 12.05 7.32
C GLU A 257 17.86 13.30 6.57
N PRO A 258 18.99 13.89 6.96
CA PRO A 258 19.49 15.08 6.27
C PRO A 258 19.82 14.82 4.81
N LEU A 259 20.16 13.61 4.41
CA LEU A 259 20.56 13.36 3.05
C LEU A 259 19.41 13.34 2.07
N LEU A 260 18.17 13.32 2.61
CA LEU A 260 16.97 13.14 1.83
C LEU A 260 16.14 14.40 1.71
N THR A 261 16.69 15.54 2.04
CA THR A 261 16.02 16.82 1.77
C THR A 261 16.23 17.23 0.31
N GLU A 262 15.40 18.19 -0.14
CA GLU A 262 15.52 18.71 -1.49
C GLU A 262 16.94 19.24 -1.73
N GLU A 263 17.43 20.08 -0.83
CA GLU A 263 18.72 20.72 -1.05
C GLU A 263 19.87 19.72 -1.05
N ALA A 264 19.83 18.76 -0.15
CA ALA A 264 20.83 17.72 -0.14
C ALA A 264 20.83 16.90 -1.40
N TYR A 265 19.63 16.45 -1.77
CA TYR A 265 19.47 15.64 -2.95
C TYR A 265 19.96 16.39 -4.23
N ALA A 266 19.60 17.67 -4.33
CA ALA A 266 19.98 18.46 -5.51
C ALA A 266 21.47 18.51 -5.64
N ALA A 267 22.21 18.49 -4.55
CA ALA A 267 23.67 18.56 -4.56
C ALA A 267 24.33 17.16 -4.68
N ASP A 268 23.60 16.08 -4.31
CA ASP A 268 24.17 14.74 -4.27
C ASP A 268 23.08 13.68 -4.37
N HIS A 269 22.78 13.26 -5.58
CA HIS A 269 21.86 12.13 -5.75
C HIS A 269 22.44 10.85 -5.22
N LYS A 270 23.71 10.58 -5.49
N LYS A 270 23.75 10.66 -5.45
CA LYS A 270 24.28 9.30 -5.14
CA LYS A 270 24.51 9.44 -5.08
C LYS A 270 24.24 9.04 -3.60
C LYS A 270 24.24 9.09 -3.63
N ALA A 271 24.48 10.06 -2.78
CA ALA A 271 24.36 9.84 -1.35
C ALA A 271 22.97 9.49 -0.92
N ALA A 272 21.98 10.10 -1.55
CA ALA A 272 20.57 9.86 -1.24
C ALA A 272 20.19 8.42 -1.63
N ARG A 273 20.57 7.99 -2.81
CA ARG A 273 20.28 6.63 -3.26
C ARG A 273 20.96 5.62 -2.31
N LYS A 274 22.22 5.85 -1.96
N LYS A 274 22.23 5.87 -1.97
CA LYS A 274 22.94 4.95 -1.08
CA LYS A 274 22.97 4.99 -1.07
C LYS A 274 22.25 4.90 0.29
C LYS A 274 22.27 4.90 0.28
N ARG A 275 21.81 6.04 0.80
CA ARG A 275 21.12 6.07 2.08
C ARG A 275 19.79 5.33 2.01
N LEU A 276 19.03 5.49 0.92
CA LEU A 276 17.80 4.78 0.76
C LEU A 276 18.02 3.28 0.83
N LEU A 277 19.03 2.76 0.16
CA LEU A 277 19.33 1.33 0.19
C LEU A 277 19.76 0.91 1.58
N GLU A 278 20.54 1.73 2.28
CA GLU A 278 20.88 1.37 3.67
C GLU A 278 19.65 1.23 4.52
N ILE A 279 18.76 2.20 4.45
CA ILE A 279 17.52 2.11 5.23
C ILE A 279 16.75 0.84 4.86
N ALA A 280 16.61 0.61 3.56
CA ALA A 280 15.82 -0.51 3.09
C ALA A 280 16.43 -1.83 3.48
N GLY A 281 17.73 -1.95 3.61
CA GLY A 281 18.34 -3.20 3.94
C GLY A 281 18.10 -3.66 5.35
N ARG A 282 17.78 -2.77 6.28
CA ARG A 282 17.52 -3.17 7.66
C ARG A 282 16.24 -3.96 7.71
N PRO A 283 16.18 -5.04 8.50
CA PRO A 283 14.85 -5.67 8.68
C PRO A 283 13.82 -4.72 9.12
N GLY A 284 12.58 -5.02 8.75
CA GLY A 284 11.44 -4.22 9.06
C GLY A 284 10.88 -3.50 7.83
N ASN A 285 9.75 -2.80 8.03
CA ASN A 285 9.10 -2.08 6.93
C ASN A 285 9.19 -0.58 7.24
N PRO A 286 10.12 0.13 6.63
CA PRO A 286 10.32 1.53 6.99
C PRO A 286 9.42 2.44 6.20
N VAL A 287 8.96 3.49 6.86
CA VAL A 287 8.31 4.65 6.23
C VAL A 287 9.39 5.76 6.11
N ILE A 288 9.47 6.35 4.93
CA ILE A 288 10.44 7.41 4.68
C ILE A 288 9.68 8.58 4.13
N CYS A 289 9.53 9.66 4.88
CA CYS A 289 8.77 10.84 4.46
C CYS A 289 9.72 11.91 3.95
N THR A 290 9.55 12.31 2.71
CA THR A 290 10.44 13.30 2.08
C THR A 290 9.65 14.24 1.18
N GLN A 291 10.32 14.83 0.19
CA GLN A 291 9.84 16.01 -0.51
C GLN A 291 9.65 15.75 -1.97
N GLY A 292 8.88 16.66 -2.58
CA GLY A 292 8.54 16.52 -3.98
C GLY A 292 9.67 16.46 -4.98
N LYS A 293 10.76 17.18 -4.75
CA LYS A 293 11.84 17.17 -5.70
C LYS A 293 12.76 15.98 -5.51
N VAL A 294 12.56 15.18 -4.47
CA VAL A 294 13.41 14.03 -4.14
C VAL A 294 12.81 12.72 -4.67
N ILE A 295 11.49 12.58 -4.49
CA ILE A 295 10.84 11.28 -4.69
C ILE A 295 10.93 10.81 -6.13
N PRO A 296 10.58 11.61 -7.14
CA PRO A 296 10.50 11.03 -8.51
C PRO A 296 11.83 10.44 -8.95
N GLY A 297 12.92 11.11 -8.65
CA GLY A 297 14.20 10.64 -9.08
C GLY A 297 14.59 9.39 -8.36
N LEU A 298 14.29 9.28 -7.05
CA LEU A 298 14.60 8.05 -6.34
C LEU A 298 13.77 6.86 -6.84
N ILE A 299 12.49 7.09 -7.04
CA ILE A 299 11.62 5.99 -7.51
C ILE A 299 12.07 5.53 -8.90
N GLU A 300 12.30 6.49 -9.78
CA GLU A 300 12.73 6.13 -11.14
C GLU A 300 14.04 5.36 -11.14
N TRP A 301 14.98 5.83 -10.33
CA TRP A 301 16.29 5.13 -10.22
C TRP A 301 16.13 3.69 -9.74
N TRP A 302 15.29 3.50 -8.72
CA TRP A 302 15.14 2.17 -8.18
C TRP A 302 14.40 1.28 -9.16
N CYS A 303 13.35 1.80 -9.79
CA CYS A 303 12.67 1.01 -10.81
C CYS A 303 13.59 0.61 -11.97
N GLU A 304 14.47 1.52 -12.38
N GLU A 304 14.47 1.51 -12.38
CA GLU A 304 15.39 1.19 -13.46
CA GLU A 304 15.37 1.14 -13.47
C GLU A 304 16.35 0.08 -13.02
C GLU A 304 16.35 0.05 -13.01
N ARG A 305 16.89 0.21 -11.83
N ARG A 305 16.92 0.22 -11.82
CA ARG A 305 17.86 -0.81 -11.43
CA ARG A 305 17.87 -0.75 -11.26
C ARG A 305 17.29 -2.18 -11.26
C ARG A 305 17.30 -2.16 -11.23
N ALA A 306 15.99 -2.24 -10.97
CA ALA A 306 15.30 -3.50 -10.76
C ALA A 306 14.48 -3.97 -11.94
N LYS A 307 14.37 -3.16 -12.99
CA LYS A 307 13.49 -3.48 -14.11
C LYS A 307 12.07 -3.67 -13.67
N VAL A 308 11.56 -2.71 -12.86
CA VAL A 308 10.20 -2.72 -12.37
C VAL A 308 9.45 -1.58 -13.01
N ARG A 309 8.22 -1.85 -13.45
N ARG A 309 8.21 -1.84 -13.43
CA ARG A 309 7.36 -0.82 -14.07
CA ARG A 309 7.34 -0.83 -14.06
C ARG A 309 6.21 -0.49 -13.10
C ARG A 309 6.20 -0.49 -13.09
N PRO A 310 6.09 0.76 -12.71
CA PRO A 310 4.90 1.18 -11.90
C PRO A 310 3.65 1.19 -12.75
N GLU A 311 2.58 0.65 -12.24
CA GLU A 311 1.33 0.70 -13.00
C GLU A 311 0.76 2.10 -13.04
N THR A 312 0.87 2.82 -11.93
CA THR A 312 0.41 4.19 -11.83
C THR A 312 1.52 5.06 -11.34
N THR A 313 1.34 6.36 -11.49
CA THR A 313 2.37 7.28 -11.05
C THR A 313 1.77 8.62 -10.64
N GLY A 314 2.51 9.35 -9.85
CA GLY A 314 2.17 10.69 -9.39
C GLY A 314 3.17 11.07 -8.32
N ASN A 315 2.91 12.27 -7.75
CA ASN A 315 3.82 12.81 -6.73
C ASN A 315 3.12 13.86 -5.93
N ARG A 316 1.88 13.61 -5.56
N ARG A 316 1.87 13.62 -5.51
CA ARG A 316 1.14 14.63 -4.85
CA ARG A 316 1.11 14.62 -4.73
C ARG A 316 1.47 14.63 -3.33
C ARG A 316 1.52 14.64 -3.27
N LYS A 317 1.28 15.76 -2.64
CA LYS A 317 1.50 15.84 -1.19
C LYS A 317 0.60 14.87 -0.50
N GLY A 318 1.15 14.05 0.43
CA GLY A 318 0.39 13.04 1.09
C GLY A 318 0.31 11.71 0.40
N SER A 319 0.87 11.59 -0.78
CA SER A 319 0.86 10.33 -1.53
C SER A 319 1.96 9.39 -0.97
N THR A 320 1.79 8.11 -1.33
CA THR A 320 2.69 7.02 -0.89
C THR A 320 3.11 6.17 -2.03
N TRP A 321 4.38 5.85 -2.12
CA TRP A 321 4.90 4.80 -3.01
C TRP A 321 5.15 3.57 -2.13
N VAL A 322 4.48 2.46 -2.46
CA VAL A 322 4.69 1.18 -1.80
C VAL A 322 5.72 0.41 -2.59
N LEU A 323 6.90 0.22 -2.04
CA LEU A 323 8.01 -0.48 -2.72
C LEU A 323 8.16 -1.81 -2.14
N SER A 324 7.85 -2.86 -2.89
CA SER A 324 7.90 -4.21 -2.39
C SER A 324 9.22 -4.83 -2.79
N LEU A 325 9.85 -5.48 -1.81
N LEU A 325 9.88 -5.46 -1.81
CA LEU A 325 11.20 -6.06 -1.95
CA LEU A 325 11.20 -6.05 -2.01
C LEU A 325 11.18 -7.55 -1.65
C LEU A 325 11.11 -7.55 -1.70
N SER A 326 11.88 -8.32 -2.46
CA SER A 326 12.05 -9.76 -2.24
C SER A 326 13.52 -9.96 -2.08
N ASP A 327 13.95 -10.45 -0.94
N ASP A 327 13.98 -10.30 -0.87
CA ASP A 327 15.36 -10.70 -0.75
CA ASP A 327 15.42 -10.41 -0.51
C ASP A 327 16.22 -9.40 -1.15
C ASP A 327 16.23 -9.35 -1.13
N GLY A 328 15.79 -8.17 -0.78
CA GLY A 328 16.54 -7.02 -1.06
C GLY A 328 16.33 -6.37 -2.40
N GLU A 329 15.62 -7.03 -3.30
CA GLU A 329 15.43 -6.56 -4.71
C GLU A 329 14.02 -6.09 -4.89
N LEU A 330 13.86 -4.95 -5.55
CA LEU A 330 12.54 -4.38 -5.82
C LEU A 330 11.77 -5.28 -6.79
N VAL A 331 10.50 -5.53 -6.45
CA VAL A 331 9.59 -6.31 -7.28
C VAL A 331 8.27 -5.59 -7.54
N GLY A 332 8.02 -4.42 -6.91
CA GLY A 332 6.79 -3.66 -7.17
C GLY A 332 6.99 -2.24 -6.71
N ALA A 333 6.34 -1.33 -7.41
CA ALA A 333 6.35 0.09 -7.06
C ALA A 333 4.98 0.62 -7.29
N ASP A 334 4.19 0.80 -6.21
CA ASP A 334 2.76 1.09 -6.33
C ASP A 334 2.46 2.47 -5.78
N TYR A 335 2.02 3.38 -6.64
CA TYR A 335 1.70 4.73 -6.22
C TYR A 335 0.31 4.81 -5.68
N LEU A 336 0.14 5.34 -4.50
CA LEU A 336 -1.11 5.59 -3.85
C LEU A 336 -1.38 7.06 -3.74
N SER A 337 -2.66 7.38 -4.02
N SER A 337 -2.50 7.52 -4.30
CA SER A 337 -3.10 8.79 -3.94
CA SER A 337 -2.85 8.95 -4.19
C SER A 337 -3.03 9.32 -2.51
C SER A 337 -2.99 9.33 -2.69
N PRO A 338 -2.97 10.64 -2.38
CA PRO A 338 -3.17 11.16 -1.01
C PRO A 338 -4.50 10.63 -0.47
N PRO A 339 -4.60 10.47 0.86
CA PRO A 339 -5.76 9.81 1.41
C PRO A 339 -7.09 10.52 1.20
N ASP A 340 -7.04 11.82 1.00
CA ASP A 340 -8.22 12.64 0.77
C ASP A 340 -8.43 12.96 -0.72
N GLU A 341 -7.82 12.18 -1.60
N GLU A 341 -7.77 12.22 -1.61
CA GLU A 341 -8.02 12.27 -3.05
CA GLU A 341 -8.00 12.26 -3.08
C GLU A 341 -8.41 10.90 -3.65
C GLU A 341 -8.46 10.88 -3.61
N LYS A 342 -9.22 10.86 -4.69
CA LYS A 342 -9.38 9.62 -5.49
C LYS A 342 -8.03 9.25 -6.17
#